data_4QRK
#
_entry.id   4QRK
#
_cell.length_a   72.348
_cell.length_b   72.348
_cell.length_c   109.470
_cell.angle_alpha   90.000
_cell.angle_beta   90.000
_cell.angle_gamma   120.000
#
_symmetry.space_group_name_H-M   'P 61'
#
loop_
_entity.id
_entity.type
_entity.pdbx_description
1 polymer 'Hypothetical protein'
2 non-polymer 'CALCIUM ION'
3 non-polymer 'ACETATE ION'
4 water water
#
_entity_poly.entity_id   1
_entity_poly.type   'polypeptide(L)'
_entity_poly.pdbx_seq_one_letter_code
;GTVSDTNEKPKEEIKIVEPNGAEKTKLNLNFGVGKLNISGNEEKL(MSE)KGKFIYSENEWKPEIKYEVKDKDGELEISQ
PGLKSGNVSLNNKRNEWNINLNEKIPTEIKLSLGTGEFKADLSKINLKELNVG(MSE)GVGKVDLDISGNYKNNVKVNIE
GGVGEATVYLPKSIGVKIKAEKGVGAVNANGFIVEGENIYKNSQYGKSKNSIEVNIEAGVGAINIKQK
;
_entity_poly.pdbx_strand_id   A
#
loop_
_chem_comp.id
_chem_comp.type
_chem_comp.name
_chem_comp.formula
ACT non-polymer 'ACETATE ION' 'C2 H3 O2 -1'
CA non-polymer 'CALCIUM ION' 'Ca 2'
#
# COMPACT_ATOMS: atom_id res chain seq x y z
N LYS A 9 22.88 9.34 14.95
CA LYS A 9 22.01 10.04 14.00
C LYS A 9 21.82 9.19 12.75
N PRO A 10 20.57 8.82 12.47
CA PRO A 10 20.37 8.04 11.22
C PRO A 10 20.61 8.91 10.00
N LYS A 11 20.86 8.28 8.85
CA LYS A 11 20.89 9.01 7.58
C LYS A 11 19.50 9.50 7.22
N GLU A 12 19.44 10.71 6.66
CA GLU A 12 18.20 11.27 6.13
C GLU A 12 18.39 11.79 4.74
N GLU A 13 17.45 11.47 3.86
CA GLU A 13 17.54 11.81 2.45
C GLU A 13 16.17 12.12 1.92
N ILE A 14 16.15 13.06 0.99
CA ILE A 14 14.97 13.35 0.21
CA ILE A 14 14.97 13.34 0.20
C ILE A 14 15.22 12.90 -1.23
N LYS A 15 14.18 12.36 -1.85
CA LYS A 15 14.25 11.97 -3.27
C LYS A 15 13.02 12.54 -3.90
N ILE A 16 13.18 13.15 -5.05
CA ILE A 16 12.08 13.76 -5.78
C ILE A 16 12.15 13.25 -7.21
N VAL A 17 11.03 12.80 -7.72
CA VAL A 17 10.96 12.27 -9.07
C VAL A 17 10.00 13.11 -9.93
N GLU A 18 10.49 13.62 -11.07
CA GLU A 18 9.62 14.36 -12.01
C GLU A 18 9.05 13.40 -13.05
N PRO A 19 7.87 13.70 -13.59
CA PRO A 19 7.30 12.64 -14.47
C PRO A 19 8.11 12.37 -15.75
N ASN A 20 8.73 13.40 -16.32
CA ASN A 20 9.52 13.25 -17.54
C ASN A 20 8.77 12.47 -18.64
N GLY A 21 7.54 12.86 -18.94
CA GLY A 21 6.80 12.21 -20.01
C GLY A 21 5.85 11.10 -19.61
N ALA A 22 5.90 10.66 -18.36
CA ALA A 22 5.01 9.57 -17.96
C ALA A 22 3.55 10.07 -17.87
N GLU A 23 2.62 9.21 -18.26
CA GLU A 23 1.22 9.52 -18.18
C GLU A 23 0.55 8.53 -17.26
N LYS A 24 1.31 7.54 -16.80
CA LYS A 24 0.83 6.66 -15.77
C LYS A 24 2.03 6.37 -14.83
N THR A 25 1.78 6.23 -13.54
CA THR A 25 2.81 5.81 -12.57
C THR A 25 2.60 4.34 -12.20
N LYS A 26 3.66 3.55 -12.29
CA LYS A 26 3.67 2.19 -11.75
C LYS A 26 4.74 2.13 -10.66
N LEU A 27 4.29 2.17 -9.41
CA LEU A 27 5.16 2.26 -8.25
C LEU A 27 5.36 0.86 -7.71
N ASN A 28 6.62 0.48 -7.54
CA ASN A 28 6.95 -0.83 -7.05
C ASN A 28 7.88 -0.68 -5.87
N LEU A 29 7.41 -1.10 -4.70
CA LEU A 29 8.15 -0.88 -3.44
C LEU A 29 8.56 -2.23 -2.79
N ASN A 30 9.84 -2.37 -2.48
CA ASN A 30 10.35 -3.56 -1.78
C ASN A 30 10.98 -3.14 -0.51
N PHE A 31 10.36 -3.51 0.60
CA PHE A 31 10.69 -2.89 1.86
C PHE A 31 10.86 -4.01 2.84
N GLY A 32 12.04 -4.12 3.44
CA GLY A 32 12.36 -5.24 4.31
C GLY A 32 11.78 -5.09 5.70
N VAL A 33 12.10 -3.99 6.38
CA VAL A 33 11.69 -3.83 7.77
C VAL A 33 11.52 -2.36 8.11
N GLY A 34 10.50 -2.07 8.90
CA GLY A 34 10.31 -0.73 9.42
C GLY A 34 8.94 -0.14 9.18
N LYS A 35 8.92 1.17 8.92
CA LYS A 35 7.67 1.92 8.80
C LYS A 35 7.62 2.57 7.43
N LEU A 36 6.56 2.29 6.71
CA LEU A 36 6.33 2.87 5.40
C LEU A 36 5.02 3.65 5.42
N ASN A 37 5.09 4.94 5.07
CA ASN A 37 3.94 5.84 5.06
C ASN A 37 3.78 6.50 3.71
N ILE A 38 2.61 6.37 3.14
CA ILE A 38 2.33 6.93 1.81
C ILE A 38 1.09 7.79 1.87
N SER A 39 1.19 8.93 1.19
CA SER A 39 0.06 9.85 1.06
C SER A 39 0.05 10.48 -0.31
N GLY A 40 -0.98 11.30 -0.56
CA GLY A 40 -0.91 12.23 -1.67
C GLY A 40 -0.14 13.50 -1.30
N ASN A 41 -0.60 14.63 -1.86
CA ASN A 41 -0.03 15.97 -1.61
C ASN A 41 1.34 16.23 -2.22
N GLU A 42 1.59 15.75 -3.45
CA GLU A 42 2.84 16.06 -4.14
C GLU A 42 2.53 16.60 -5.53
N GLU A 43 3.27 17.64 -5.94
CA GLU A 43 3.10 18.21 -7.29
C GLU A 43 3.80 17.46 -8.41
N LYS A 44 5.01 17.01 -8.13
CA LYS A 44 5.78 16.21 -9.09
C LYS A 44 5.24 14.77 -9.02
N LEU A 45 5.98 13.79 -9.51
CA LEU A 45 5.47 12.42 -9.53
C LEU A 45 5.42 11.81 -8.12
N MSE A 46 6.53 11.97 -7.41
CA MSE A 46 6.72 11.43 -6.07
C MSE A 46 7.79 12.25 -5.36
O MSE A 46 8.74 12.71 -5.99
CB MSE A 46 7.20 9.98 -6.20
CG MSE A 46 7.50 9.28 -4.90
SE MSE A 46 9.41 9.19 -4.41
CE MSE A 46 9.23 8.52 -2.64
N LYS A 47 7.62 12.40 -4.04
CA LYS A 47 8.63 12.97 -3.18
C LYS A 47 8.70 12.06 -1.99
N GLY A 48 9.90 11.77 -1.55
CA GLY A 48 10.04 10.92 -0.38
C GLY A 48 11.13 11.38 0.54
N LYS A 49 10.91 11.18 1.83
CA LYS A 49 11.95 11.31 2.84
C LYS A 49 12.24 9.94 3.47
N PHE A 50 13.51 9.57 3.47
CA PHE A 50 13.94 8.23 3.85
C PHE A 50 14.89 8.41 5.00
N ILE A 51 14.60 7.67 6.07
CA ILE A 51 15.42 7.69 7.29
C ILE A 51 15.88 6.29 7.60
N TYR A 52 17.19 6.11 7.72
CA TYR A 52 17.73 4.75 7.89
C TYR A 52 18.98 4.79 8.77
N SER A 53 19.06 3.89 9.76
CA SER A 53 20.16 3.92 10.70
C SER A 53 21.31 3.01 10.30
N GLU A 54 21.07 2.11 9.35
CA GLU A 54 22.08 1.15 8.92
C GLU A 54 22.36 1.47 7.47
N ASN A 55 23.64 1.67 7.14
CA ASN A 55 24.02 2.04 5.78
C ASN A 55 23.60 1.02 4.77
N GLU A 56 23.54 -0.24 5.18
CA GLU A 56 23.09 -1.30 4.30
C GLU A 56 21.62 -1.17 3.89
N TRP A 57 20.84 -0.35 4.58
CA TRP A 57 19.41 -0.22 4.27
C TRP A 57 19.12 0.93 3.29
N LYS A 58 20.19 1.62 2.86
CA LYS A 58 20.12 2.75 1.94
C LYS A 58 19.18 2.42 0.81
N PRO A 59 18.11 3.21 0.65
CA PRO A 59 17.16 2.83 -0.40
C PRO A 59 17.76 3.01 -1.79
N GLU A 60 17.38 2.12 -2.69
CA GLU A 60 17.79 2.17 -4.11
C GLU A 60 16.57 2.57 -4.98
N ILE A 61 16.70 3.64 -5.73
CA ILE A 61 15.62 4.08 -6.58
C ILE A 61 15.96 3.89 -8.05
N LYS A 62 15.00 3.39 -8.80
CA LYS A 62 15.13 3.25 -10.24
C LYS A 62 13.91 3.85 -10.87
N TYR A 63 14.09 4.73 -11.86
CA TYR A 63 12.93 5.27 -12.56
C TYR A 63 13.15 5.28 -14.07
N GLU A 64 12.26 4.66 -14.83
CA GLU A 64 12.32 4.78 -16.29
C GLU A 64 10.94 4.97 -16.83
N VAL A 65 10.85 5.69 -17.92
CA VAL A 65 9.57 5.85 -18.60
C VAL A 65 9.60 4.97 -19.83
N LYS A 66 8.77 3.93 -19.81
CA LYS A 66 8.59 3.04 -20.93
C LYS A 66 7.23 3.28 -21.54
N ASP A 67 7.17 3.92 -22.70
CA ASP A 67 5.90 4.00 -23.43
C ASP A 67 4.83 4.62 -22.54
N LYS A 68 5.13 5.81 -22.04
CA LYS A 68 4.19 6.63 -21.30
C LYS A 68 3.98 6.16 -19.85
N ASP A 69 4.50 4.99 -19.50
CA ASP A 69 4.40 4.47 -18.13
C ASP A 69 5.67 4.79 -17.37
N GLY A 70 5.55 5.57 -16.30
CA GLY A 70 6.66 5.79 -15.39
C GLY A 70 6.84 4.66 -14.39
N GLU A 71 7.83 3.82 -14.64
CA GLU A 71 8.14 2.69 -13.76
C GLU A 71 9.12 3.12 -12.68
N LEU A 72 8.58 3.26 -11.47
CA LEU A 72 9.32 3.76 -10.32
C LEU A 72 9.46 2.64 -9.32
N GLU A 73 10.70 2.26 -9.05
CA GLU A 73 10.96 1.22 -8.11
C GLU A 73 11.81 1.71 -6.96
N ILE A 74 11.40 1.39 -5.75
CA ILE A 74 12.17 1.77 -4.58
C ILE A 74 12.38 0.51 -3.76
N SER A 75 13.64 0.19 -3.49
CA SER A 75 13.97 -1.04 -2.79
CA SER A 75 13.96 -1.05 -2.78
C SER A 75 14.96 -0.83 -1.65
N GLN A 76 14.65 -1.46 -0.49
CA GLN A 76 15.58 -1.52 0.66
C GLN A 76 16.49 -2.68 0.31
N PRO A 77 17.82 -2.47 0.29
CA PRO A 77 18.69 -3.62 0.00
C PRO A 77 18.35 -4.80 0.93
N GLY A 78 18.11 -5.95 0.31
CA GLY A 78 17.88 -7.16 1.07
C GLY A 78 19.07 -7.39 1.98
N LEU A 79 18.78 -7.70 3.24
CA LEU A 79 19.74 -8.38 4.06
C LEU A 79 19.30 -9.83 4.04
N LYS A 80 20.05 -10.66 3.30
CA LYS A 80 19.76 -12.08 3.19
C LYS A 80 19.80 -12.69 4.59
N SER A 81 20.72 -12.15 5.40
CA SER A 81 20.70 -12.23 6.86
C SER A 81 20.67 -13.61 7.51
N GLY A 82 21.15 -13.58 8.75
CA GLY A 82 20.71 -14.51 9.77
C GLY A 82 19.81 -13.62 10.63
N ASN A 83 20.40 -13.03 11.67
CA ASN A 83 19.68 -12.21 12.63
C ASN A 83 19.76 -10.69 12.34
N VAL A 84 18.67 -9.97 12.59
CA VAL A 84 18.72 -8.54 12.81
C VAL A 84 18.08 -8.15 14.14
N SER A 85 18.83 -7.47 14.99
CA SER A 85 18.26 -6.93 16.22
CA SER A 85 18.27 -6.92 16.21
C SER A 85 17.68 -5.57 15.92
N LEU A 86 16.40 -5.40 16.24
CA LEU A 86 15.71 -4.17 15.81
C LEU A 86 15.77 -3.00 16.79
N ASN A 87 16.00 -3.26 18.08
CA ASN A 87 16.01 -2.17 19.05
C ASN A 87 17.04 -1.12 18.71
N ASN A 88 16.57 0.13 18.75
CA ASN A 88 17.44 1.27 18.52
C ASN A 88 17.87 1.40 17.05
N LYS A 89 17.20 0.69 16.14
CA LYS A 89 17.45 0.91 14.73
C LYS A 89 16.23 1.62 14.18
N ARG A 90 16.36 2.21 13.01
CA ARG A 90 15.30 2.98 12.37
C ARG A 90 15.35 2.80 10.88
N ASN A 91 14.18 2.54 10.30
CA ASN A 91 14.02 2.52 8.85
C ASN A 91 12.64 2.99 8.51
N GLU A 92 12.57 4.19 7.97
CA GLU A 92 11.29 4.84 7.70
CA GLU A 92 11.31 4.83 7.69
C GLU A 92 11.29 5.49 6.31
N TRP A 93 10.23 5.22 5.56
CA TRP A 93 10.00 5.81 4.26
C TRP A 93 8.69 6.58 4.30
N ASN A 94 8.78 7.86 4.01
CA ASN A 94 7.59 8.70 3.99
C ASN A 94 7.44 9.26 2.61
N ILE A 95 6.41 8.81 1.89
CA ILE A 95 6.28 9.06 0.47
C ILE A 95 5.04 9.90 0.14
N ASN A 96 5.21 10.97 -0.64
CA ASN A 96 4.08 11.76 -1.12
C ASN A 96 3.93 11.50 -2.62
N LEU A 97 2.71 11.22 -3.06
CA LEU A 97 2.44 10.88 -4.45
C LEU A 97 1.53 11.90 -5.16
N ASN A 98 1.71 11.99 -6.47
CA ASN A 98 0.92 12.88 -7.30
C ASN A 98 -0.54 12.42 -7.25
N GLU A 99 -1.47 13.37 -7.20
CA GLU A 99 -2.90 13.08 -7.06
C GLU A 99 -3.69 12.95 -8.37
N LYS A 100 -3.08 13.34 -9.49
CA LYS A 100 -3.79 13.35 -10.79
C LYS A 100 -3.44 12.19 -11.70
N ILE A 101 -2.18 11.81 -11.69
CA ILE A 101 -1.72 10.78 -12.63
C ILE A 101 -2.30 9.40 -12.29
N PRO A 102 -2.81 8.66 -13.31
CA PRO A 102 -3.24 7.28 -13.07
C PRO A 102 -2.12 6.46 -12.44
N THR A 103 -2.42 5.74 -11.35
CA THR A 103 -1.38 5.11 -10.53
C THR A 103 -1.70 3.67 -10.16
N GLU A 104 -0.70 2.80 -10.32
CA GLU A 104 -0.74 1.42 -9.84
C GLU A 104 0.36 1.31 -8.83
N ILE A 105 0.10 0.58 -7.75
CA ILE A 105 1.06 0.45 -6.65
C ILE A 105 1.20 -1.00 -6.30
N LYS A 106 2.44 -1.48 -6.25
CA LYS A 106 2.73 -2.79 -5.80
C LYS A 106 3.73 -2.70 -4.65
N LEU A 107 3.38 -3.37 -3.56
CA LEU A 107 4.18 -3.35 -2.34
CA LEU A 107 4.22 -3.36 -2.36
C LEU A 107 4.49 -4.76 -1.83
N SER A 108 5.76 -5.02 -1.60
CA SER A 108 6.19 -6.21 -0.89
CA SER A 108 6.20 -6.21 -0.88
C SER A 108 6.91 -5.73 0.37
N LEU A 109 6.26 -6.00 1.50
CA LEU A 109 6.70 -5.55 2.81
CA LEU A 109 6.77 -5.56 2.79
C LEU A 109 7.02 -6.76 3.70
N GLY A 110 8.25 -6.86 4.17
CA GLY A 110 8.67 -8.02 4.97
C GLY A 110 8.07 -7.97 6.36
N THR A 111 8.48 -6.97 7.12
CA THR A 111 8.05 -6.82 8.50
C THR A 111 7.94 -5.35 8.85
N GLY A 112 6.87 -4.96 9.53
CA GLY A 112 6.74 -3.57 9.95
C GLY A 112 5.34 -3.04 9.81
N GLU A 113 5.22 -1.72 9.70
CA GLU A 113 3.92 -1.06 9.65
C GLU A 113 3.77 -0.25 8.41
N PHE A 114 2.71 -0.56 7.68
CA PHE A 114 2.41 0.14 6.42
C PHE A 114 1.13 0.96 6.61
N LYS A 115 1.24 2.25 6.37
CA LYS A 115 0.11 3.17 6.47
C LYS A 115 0.03 3.98 5.21
N ALA A 116 -1.16 4.03 4.63
CA ALA A 116 -1.34 4.77 3.39
C ALA A 116 -2.71 5.42 3.26
N ASP A 117 -2.66 6.69 2.90
CA ASP A 117 -3.84 7.41 2.50
C ASP A 117 -3.81 7.49 1.03
N LEU A 118 -4.67 6.71 0.37
CA LEU A 118 -4.74 6.72 -1.08
C LEU A 118 -6.09 7.28 -1.55
N SER A 119 -6.79 7.95 -0.67
CA SER A 119 -8.10 8.49 -1.01
C SER A 119 -8.03 9.63 -1.99
N LYS A 120 -6.89 10.26 -2.16
CA LYS A 120 -6.77 11.38 -3.11
C LYS A 120 -6.01 11.03 -4.36
N ILE A 121 -5.58 9.78 -4.47
CA ILE A 121 -4.78 9.33 -5.60
C ILE A 121 -5.75 8.84 -6.67
N ASN A 122 -5.37 9.02 -7.93
CA ASN A 122 -6.07 8.46 -9.07
C ASN A 122 -5.69 7.00 -9.20
N LEU A 123 -6.15 6.20 -8.25
CA LEU A 123 -5.69 4.84 -8.09
C LEU A 123 -6.35 3.90 -9.09
N LYS A 124 -5.56 3.02 -9.71
CA LYS A 124 -6.13 1.97 -10.57
C LYS A 124 -5.97 0.59 -9.92
N GLU A 125 -4.81 0.33 -9.35
CA GLU A 125 -4.60 -0.99 -8.81
C GLU A 125 -3.64 -0.90 -7.66
N LEU A 126 -3.89 -1.74 -6.66
CA LEU A 126 -3.02 -1.84 -5.50
C LEU A 126 -2.85 -3.31 -5.17
N ASN A 127 -1.59 -3.73 -5.07
CA ASN A 127 -1.22 -5.05 -4.62
C ASN A 127 -0.26 -4.94 -3.46
N VAL A 128 -0.64 -5.53 -2.34
CA VAL A 128 0.19 -5.47 -1.13
C VAL A 128 0.45 -6.86 -0.63
N GLY A 129 1.72 -7.21 -0.43
CA GLY A 129 2.06 -8.37 0.40
C GLY A 129 2.77 -7.95 1.68
N MSE A 130 2.37 -8.54 2.82
CA MSE A 130 3.01 -8.25 4.10
CA MSE A 130 2.90 -8.25 4.16
C MSE A 130 3.32 -9.58 4.78
O MSE A 130 2.53 -10.52 4.73
CB MSE A 130 2.13 -7.32 4.95
CB MSE A 130 1.81 -7.60 5.02
CG MSE A 130 2.47 -7.18 6.45
CG MSE A 130 1.95 -7.68 6.59
SE MSE A 130 4.11 -6.23 6.90
SE MSE A 130 0.63 -8.83 7.56
CE MSE A 130 3.63 -4.45 6.34
CE MSE A 130 -0.90 -7.54 7.61
N GLY A 131 4.52 -9.67 5.34
CA GLY A 131 4.94 -10.89 6.04
C GLY A 131 4.40 -10.90 7.48
N VAL A 132 5.00 -10.04 8.32
CA VAL A 132 4.61 -9.90 9.72
C VAL A 132 4.43 -8.41 9.98
N GLY A 133 3.22 -7.96 10.24
CA GLY A 133 3.06 -6.55 10.58
C GLY A 133 1.65 -6.07 10.39
N LYS A 134 1.49 -4.79 10.20
CA LYS A 134 0.18 -4.18 10.09
C LYS A 134 0.08 -3.39 8.81
N VAL A 135 -1.12 -3.43 8.25
CA VAL A 135 -1.49 -2.64 7.11
C VAL A 135 -2.70 -1.79 7.48
N ASP A 136 -2.62 -0.48 7.25
CA ASP A 136 -3.79 0.43 7.45
C ASP A 136 -3.90 1.31 6.23
N LEU A 137 -5.01 1.18 5.50
CA LEU A 137 -5.15 1.78 4.20
C LEU A 137 -6.45 2.51 4.08
N ASP A 138 -6.36 3.76 3.66
CA ASP A 138 -7.54 4.54 3.35
C ASP A 138 -7.64 4.55 1.86
N ILE A 139 -8.62 3.80 1.37
CA ILE A 139 -8.92 3.83 -0.06
C ILE A 139 -10.36 4.22 -0.22
N SER A 140 -10.73 5.33 0.40
CA SER A 140 -12.12 5.79 0.46
C SER A 140 -12.39 6.93 -0.52
N GLY A 141 -11.55 7.09 -1.51
CA GLY A 141 -11.76 8.09 -2.54
C GLY A 141 -12.97 7.82 -3.45
N ASN A 142 -13.41 8.88 -4.12
CA ASN A 142 -14.42 8.80 -5.14
C ASN A 142 -13.73 8.51 -6.48
N TYR A 143 -13.25 7.29 -6.63
CA TYR A 143 -12.46 6.91 -7.79
C TYR A 143 -13.33 6.98 -9.08
N LYS A 144 -12.72 7.43 -10.17
CA LYS A 144 -13.44 7.68 -11.40
C LYS A 144 -13.26 6.55 -12.41
N ASN A 145 -12.85 5.40 -11.93
CA ASN A 145 -12.75 4.24 -12.75
C ASN A 145 -12.80 3.06 -11.80
N ASN A 146 -12.87 1.86 -12.34
CA ASN A 146 -12.80 0.68 -11.50
C ASN A 146 -11.44 0.54 -10.87
N VAL A 147 -11.40 -0.03 -9.68
CA VAL A 147 -10.16 -0.19 -8.93
C VAL A 147 -10.08 -1.62 -8.44
N LYS A 148 -8.88 -2.19 -8.51
CA LYS A 148 -8.60 -3.55 -8.08
C LYS A 148 -7.64 -3.47 -6.90
N VAL A 149 -8.00 -4.07 -5.77
CA VAL A 149 -7.14 -4.09 -4.60
C VAL A 149 -6.92 -5.51 -4.14
N ASN A 150 -5.67 -5.92 -4.02
CA ASN A 150 -5.32 -7.25 -3.50
C ASN A 150 -4.38 -7.11 -2.31
N ILE A 151 -4.78 -7.68 -1.18
CA ILE A 151 -3.94 -7.58 0.05
C ILE A 151 -3.70 -8.96 0.62
N GLU A 152 -2.46 -9.29 0.84
CA GLU A 152 -2.14 -10.61 1.38
C GLU A 152 -1.11 -10.47 2.52
N GLY A 153 -1.50 -10.94 3.70
CA GLY A 153 -0.71 -10.81 4.91
C GLY A 153 -0.43 -12.17 5.51
N GLY A 154 0.72 -12.30 6.13
CA GLY A 154 1.11 -13.53 6.79
C GLY A 154 0.54 -13.51 8.19
N VAL A 155 1.21 -12.76 9.06
CA VAL A 155 0.77 -12.62 10.43
C VAL A 155 0.58 -11.12 10.70
N GLY A 156 -0.58 -10.75 11.19
CA GLY A 156 -0.83 -9.37 11.52
C GLY A 156 -2.22 -8.94 11.13
N GLU A 157 -2.47 -7.66 11.29
CA GLU A 157 -3.78 -7.06 11.08
C GLU A 157 -3.78 -6.24 9.81
N ALA A 158 -4.92 -6.17 9.15
CA ALA A 158 -5.11 -5.30 8.00
C ALA A 158 -6.42 -4.51 8.23
N THR A 159 -6.37 -3.19 8.06
CA THR A 159 -7.54 -2.33 8.18
C THR A 159 -7.68 -1.51 6.94
N VAL A 160 -8.86 -1.55 6.35
CA VAL A 160 -9.10 -0.86 5.10
C VAL A 160 -10.34 0.02 5.21
N TYR A 161 -10.21 1.30 4.82
CA TYR A 161 -11.33 2.24 4.74
C TYR A 161 -11.77 2.39 3.29
N LEU A 162 -13.06 2.21 3.06
CA LEU A 162 -13.63 2.17 1.72
C LEU A 162 -14.70 3.24 1.55
N PRO A 163 -14.96 3.65 0.32
CA PRO A 163 -15.89 4.76 0.12
C PRO A 163 -17.33 4.30 0.28
N LYS A 164 -18.21 5.22 0.64
CA LYS A 164 -19.65 4.95 0.69
C LYS A 164 -20.27 5.21 -0.68
N SER A 165 -19.69 6.15 -1.42
CA SER A 165 -20.28 6.69 -2.65
C SER A 165 -20.16 5.81 -3.90
N ILE A 166 -19.19 4.91 -3.93
CA ILE A 166 -19.07 3.99 -5.03
C ILE A 166 -19.15 2.56 -4.54
N GLY A 167 -19.50 1.65 -5.43
CA GLY A 167 -19.68 0.26 -5.07
C GLY A 167 -18.39 -0.41 -4.68
N VAL A 168 -18.47 -1.19 -3.63
CA VAL A 168 -17.37 -1.97 -3.11
C VAL A 168 -17.80 -3.43 -2.86
N LYS A 169 -16.97 -4.35 -3.31
CA LYS A 169 -17.11 -5.76 -2.98
C LYS A 169 -15.80 -6.27 -2.48
N ILE A 170 -15.83 -6.93 -1.32
CA ILE A 170 -14.62 -7.42 -0.64
C ILE A 170 -14.74 -8.92 -0.41
N LYS A 171 -13.79 -9.65 -0.92
CA LYS A 171 -13.64 -11.06 -0.52
C LYS A 171 -12.58 -11.08 0.57
N ALA A 172 -12.98 -11.48 1.78
CA ALA A 172 -12.07 -11.44 2.92
C ALA A 172 -11.93 -12.84 3.50
N GLU A 173 -10.70 -13.35 3.42
CA GLU A 173 -10.34 -14.68 3.87
C GLU A 173 -9.24 -14.65 4.93
N LYS A 174 -9.48 -15.36 6.04
CA LYS A 174 -8.45 -15.50 7.07
C LYS A 174 -8.25 -16.96 7.42
N GLY A 175 -7.05 -17.30 7.87
CA GLY A 175 -6.78 -18.63 8.36
C GLY A 175 -7.32 -18.71 9.78
N VAL A 176 -6.71 -17.94 10.68
CA VAL A 176 -7.12 -17.86 12.08
C VAL A 176 -7.23 -16.38 12.42
N GLY A 177 -8.41 -15.98 12.79
CA GLY A 177 -8.66 -14.58 13.07
C GLY A 177 -10.09 -14.20 12.73
N ALA A 178 -10.33 -12.92 12.68
CA ALA A 178 -11.68 -12.44 12.54
C ALA A 178 -11.74 -11.43 11.43
N VAL A 179 -12.89 -11.40 10.79
CA VAL A 179 -13.23 -10.35 9.88
C VAL A 179 -14.22 -9.50 10.60
N ASN A 180 -13.85 -8.24 10.78
CA ASN A 180 -14.74 -7.25 11.37
C ASN A 180 -15.23 -6.32 10.28
N ALA A 181 -16.51 -6.43 9.96
CA ALA A 181 -17.05 -5.69 8.80
C ALA A 181 -18.39 -5.10 9.08
N ASN A 182 -18.54 -4.44 10.22
CA ASN A 182 -19.86 -3.92 10.58
C ASN A 182 -20.37 -2.85 9.59
N GLY A 183 -21.61 -2.98 9.19
CA GLY A 183 -22.21 -2.00 8.30
C GLY A 183 -22.12 -2.42 6.85
N PHE A 184 -21.43 -3.55 6.57
CA PHE A 184 -21.45 -4.12 5.23
C PHE A 184 -22.46 -5.26 5.08
N ILE A 185 -22.98 -5.39 3.88
CA ILE A 185 -23.87 -6.50 3.56
C ILE A 185 -23.05 -7.76 3.50
N VAL A 186 -23.55 -8.84 4.11
CA VAL A 186 -22.83 -10.11 4.12
C VAL A 186 -23.40 -10.98 3.03
N GLU A 187 -22.56 -11.45 2.14
CA GLU A 187 -23.00 -12.30 1.06
C GLU A 187 -22.29 -13.62 1.24
N GLY A 188 -23.05 -14.65 1.50
CA GLY A 188 -22.52 -16.00 1.59
C GLY A 188 -21.15 -16.10 2.25
N GLU A 189 -20.21 -16.60 1.46
CA GLU A 189 -18.94 -17.08 1.97
C GLU A 189 -17.79 -16.08 1.74
N ASN A 190 -17.63 -15.24 2.76
CA ASN A 190 -16.44 -14.41 2.85
C ASN A 190 -16.54 -13.18 1.97
N ILE A 191 -17.75 -12.92 1.45
CA ILE A 191 -17.99 -11.72 0.62
C ILE A 191 -18.79 -10.64 1.36
N TYR A 192 -18.29 -9.42 1.27
CA TYR A 192 -18.88 -8.24 1.90
C TYR A 192 -19.05 -7.14 0.88
N LYS A 193 -20.17 -6.42 0.94
CA LYS A 193 -20.42 -5.35 -0.01
C LYS A 193 -21.07 -4.18 0.67
N ASN A 194 -20.99 -3.01 0.05
CA ASN A 194 -21.82 -1.89 0.45
C ASN A 194 -23.05 -1.77 -0.44
N SER A 195 -23.90 -0.83 -0.08
CA SER A 195 -25.18 -0.69 -0.75
C SER A 195 -24.99 -0.20 -2.19
N GLN A 196 -23.90 0.53 -2.48
CA GLN A 196 -23.68 1.01 -3.85
C GLN A 196 -23.21 -0.05 -4.84
N TYR A 197 -22.77 -1.20 -4.35
CA TYR A 197 -22.21 -2.20 -5.26
C TYR A 197 -23.28 -2.75 -6.20
N GLY A 198 -22.96 -2.71 -7.49
CA GLY A 198 -23.90 -3.09 -8.53
C GLY A 198 -24.70 -1.92 -9.10
N LYS A 199 -24.67 -0.77 -8.41
CA LYS A 199 -25.44 0.42 -8.77
C LYS A 199 -24.56 1.52 -9.40
N SER A 200 -23.40 1.80 -8.81
CA SER A 200 -22.49 2.79 -9.38
C SER A 200 -21.80 2.24 -10.63
N LYS A 201 -21.48 3.13 -11.55
CA LYS A 201 -20.75 2.74 -12.75
C LYS A 201 -19.39 2.14 -12.36
N ASN A 202 -18.71 2.82 -11.43
CA ASN A 202 -17.39 2.43 -10.95
C ASN A 202 -17.42 1.62 -9.65
N SER A 203 -16.46 0.71 -9.51
CA SER A 203 -16.42 -0.11 -8.31
C SER A 203 -15.00 -0.44 -7.86
N ILE A 204 -14.85 -0.75 -6.56
CA ILE A 204 -13.60 -1.30 -6.02
C ILE A 204 -13.82 -2.77 -5.69
N GLU A 205 -13.00 -3.62 -6.30
CA GLU A 205 -13.05 -5.06 -6.04
C GLU A 205 -11.86 -5.30 -5.13
N VAL A 206 -12.11 -5.83 -3.95
CA VAL A 206 -11.05 -6.01 -2.97
C VAL A 206 -10.94 -7.46 -2.57
N ASN A 207 -9.75 -8.03 -2.72
CA ASN A 207 -9.43 -9.32 -2.15
CA ASN A 207 -9.44 -9.33 -2.12
C ASN A 207 -8.45 -9.14 -1.00
N ILE A 208 -8.79 -9.66 0.18
CA ILE A 208 -7.91 -9.55 1.37
C ILE A 208 -7.75 -10.92 1.95
N GLU A 209 -6.50 -11.31 2.17
CA GLU A 209 -6.20 -12.61 2.76
C GLU A 209 -5.28 -12.35 3.94
N ALA A 210 -5.57 -13.00 5.04
CA ALA A 210 -4.69 -12.91 6.21
C ALA A 210 -4.46 -14.32 6.72
N GLY A 211 -3.22 -14.67 6.96
CA GLY A 211 -2.94 -15.99 7.54
C GLY A 211 -3.43 -16.05 8.97
N VAL A 212 -2.75 -15.32 9.84
CA VAL A 212 -3.16 -15.19 11.22
C VAL A 212 -3.30 -13.70 11.51
N GLY A 213 -4.50 -13.30 11.84
CA GLY A 213 -4.73 -11.90 12.19
C GLY A 213 -6.11 -11.44 11.81
N ALA A 214 -6.38 -10.18 12.07
CA ALA A 214 -7.72 -9.64 11.89
C ALA A 214 -7.79 -8.85 10.58
N ILE A 215 -8.95 -8.87 9.96
CA ILE A 215 -9.24 -8.03 8.86
C ILE A 215 -10.38 -7.10 9.25
N ASN A 216 -10.10 -5.81 9.22
CA ASN A 216 -11.08 -4.80 9.61
C ASN A 216 -11.47 -4.01 8.41
N ILE A 217 -12.74 -4.09 8.02
CA ILE A 217 -13.18 -3.27 6.90
C ILE A 217 -14.25 -2.29 7.34
N LYS A 218 -14.10 -1.06 6.86
CA LYS A 218 -14.86 0.09 7.37
C LYS A 218 -15.25 1.00 6.21
N GLN A 219 -16.41 1.64 6.31
CA GLN A 219 -16.81 2.64 5.32
C GLN A 219 -16.53 4.00 5.89
N LYS A 220 -16.10 4.90 5.04
CA LYS A 220 -15.71 6.22 5.43
C LYS A 220 -16.22 7.24 4.39
CA CA B . 0.10 -15.49 -3.00
C ACT C . 3.00 -15.48 -1.62
O ACT C . 1.91 -15.65 -1.01
OXT ACT C . 2.99 -14.54 -2.46
CH3 ACT C . 4.22 -16.34 -1.35
#